data_7MNS
#
_entry.id   7MNS
#
_cell.length_a   92.480
_cell.length_b   92.480
_cell.length_c   194.780
_cell.angle_alpha   90.000
_cell.angle_beta   90.000
_cell.angle_gamma   120.000
#
_symmetry.space_group_name_H-M   'P 65 2 2'
#
loop_
_entity.id
_entity.type
_entity.pdbx_description
1 polymer 'GTP-binding nuclear protein Ran'
2 polymer 'E3 SUMO-protein ligase RanBP2'
3 non-polymer "GUANOSINE-5'-DIPHOSPHATE"
4 non-polymer 'MAGNESIUM ION'
5 non-polymer 'ZINC ION'
6 water water
#
loop_
_entity_poly.entity_id
_entity_poly.type
_entity_poly.pdbx_seq_one_letter_code
_entity_poly.pdbx_strand_id
1 'polypeptide(L)'
;MGSSHHHHHHSSGLVPRGSHMAAQGEPQVQFKLVLVGDGGTGKTTFVKRHLTGESEKKYVATLGVEVHPLVFHTNRGPIK
FNVWDTAGQEKFGGLRDGYYIQAQCAIIMFDVTSRVTYKNVPNWHRDLVRVCENIPIVLCGNKVDIKDRKVKAKSIVFHR
KKNLQYYDISAKSNYNFEKPFLWLARKLIGDPNLEFVAMPALAPPEVVMDPALAAQYEHDLEVAQTTALPDEDDDL
;
A
2 'polypeptide(L)' GPLGSMGFEDMFAKKEGQWDCSSCLVRNEANATRCVACQNPDK B
#
# COMPACT_ATOMS: atom_id res chain seq x y z
N PRO A 27 20.47 2.44 10.51
CA PRO A 27 19.13 2.87 10.90
C PRO A 27 18.07 2.41 9.91
N GLN A 28 17.05 1.71 10.38
CA GLN A 28 15.95 1.26 9.53
C GLN A 28 14.69 2.03 9.91
N VAL A 29 14.12 2.72 8.93
CA VAL A 29 12.85 3.41 9.10
C VAL A 29 11.74 2.50 8.63
N GLN A 30 10.61 2.53 9.33
CA GLN A 30 9.44 1.77 8.96
C GLN A 30 8.23 2.68 8.87
N PHE A 31 7.29 2.31 8.02
CA PHE A 31 6.06 3.05 7.83
C PHE A 31 4.89 2.08 7.77
N LYS A 32 3.80 2.44 8.43
CA LYS A 32 2.55 1.70 8.27
C LYS A 32 1.89 2.12 6.96
N LEU A 33 1.64 1.14 6.10
CA LEU A 33 1.00 1.36 4.81
C LEU A 33 -0.32 0.58 4.79
N VAL A 34 -1.43 1.29 4.58
CA VAL A 34 -2.73 0.65 4.49
C VAL A 34 -3.06 0.39 3.04
N LEU A 35 -3.33 -0.87 2.72
CA LEU A 35 -3.69 -1.32 1.39
C LEU A 35 -5.19 -1.55 1.38
N VAL A 36 -5.93 -0.72 0.64
CA VAL A 36 -7.38 -0.76 0.65
C VAL A 36 -7.89 -0.78 -0.78
N GLY A 37 -9.15 -1.14 -0.93
CA GLY A 37 -9.79 -1.28 -2.22
C GLY A 37 -10.84 -2.36 -2.17
N ASP A 38 -11.73 -2.34 -3.17
CA ASP A 38 -12.82 -3.30 -3.20
C ASP A 38 -12.29 -4.73 -3.13
N GLY A 39 -13.12 -5.62 -2.60
CA GLY A 39 -12.78 -7.03 -2.64
C GLY A 39 -12.64 -7.52 -4.07
N GLY A 40 -11.71 -8.44 -4.27
CA GLY A 40 -11.48 -9.03 -5.57
C GLY A 40 -10.61 -8.23 -6.50
N THR A 41 -10.02 -7.13 -6.04
CA THR A 41 -9.18 -6.32 -6.92
C THR A 41 -7.74 -6.80 -6.98
N GLY A 42 -7.34 -7.73 -6.11
CA GLY A 42 -6.00 -8.26 -6.11
C GLY A 42 -5.08 -7.77 -5.00
N LYS A 43 -5.62 -7.18 -3.94
CA LYS A 43 -4.79 -6.65 -2.87
C LYS A 43 -3.91 -7.73 -2.26
N THR A 44 -4.52 -8.86 -1.89
CA THR A 44 -3.75 -9.93 -1.25
C THR A 44 -2.73 -10.52 -2.22
N THR A 45 -3.16 -10.79 -3.45
CA THR A 45 -2.23 -11.30 -4.47
C THR A 45 -1.05 -10.35 -4.62
N PHE A 46 -1.31 -9.04 -4.57
CA PHE A 46 -0.26 -8.06 -4.77
C PHE A 46 0.75 -8.08 -3.61
N VAL A 47 0.26 -7.96 -2.38
CA VAL A 47 1.19 -7.87 -1.26
C VAL A 47 1.99 -9.16 -1.13
N LYS A 48 1.41 -10.29 -1.50
N LYS A 48 1.39 -10.29 -1.51
CA LYS A 48 2.08 -11.58 -1.35
CA LYS A 48 2.06 -11.59 -1.39
C LYS A 48 3.18 -11.82 -2.38
C LYS A 48 3.30 -11.68 -2.26
N ARG A 49 3.37 -10.92 -3.36
CA ARG A 49 4.49 -11.06 -4.28
C ARG A 49 5.82 -10.95 -3.53
N HIS A 50 5.87 -10.13 -2.48
CA HIS A 50 7.08 -9.91 -1.70
C HIS A 50 7.26 -11.11 -0.78
N LEU A 51 8.21 -11.99 -1.13
CA LEU A 51 8.25 -13.31 -0.51
C LEU A 51 8.62 -13.22 0.97
N THR A 52 9.59 -12.39 1.33
CA THR A 52 9.97 -12.29 2.74
C THR A 52 8.87 -11.63 3.55
N GLY A 53 8.17 -10.66 2.96
CA GLY A 53 7.03 -10.07 3.63
C GLY A 53 5.94 -11.08 3.90
N GLU A 54 5.80 -12.08 3.03
CA GLU A 54 4.80 -13.11 3.23
C GLU A 54 5.23 -14.09 4.32
N SER A 55 6.51 -14.51 4.30
CA SER A 55 6.99 -15.47 5.29
C SER A 55 7.05 -14.87 6.69
N GLU A 56 7.18 -13.55 6.79
CA GLU A 56 7.24 -12.87 8.10
CA GLU A 56 7.26 -12.84 8.08
C GLU A 56 5.97 -12.10 8.42
N LYS A 57 4.87 -12.40 7.73
CA LYS A 57 3.64 -11.68 7.97
C LYS A 57 3.09 -12.00 9.36
N LYS A 58 2.32 -11.06 9.89
CA LYS A 58 1.72 -11.18 11.21
C LYS A 58 0.22 -11.03 11.09
N TYR A 59 -0.53 -12.00 11.61
CA TYR A 59 -1.97 -11.91 11.68
C TYR A 59 -2.37 -11.19 12.97
N VAL A 60 -3.21 -10.18 12.84
CA VAL A 60 -3.69 -9.39 13.97
C VAL A 60 -5.13 -9.83 14.23
N ALA A 61 -5.32 -10.73 15.20
CA ALA A 61 -6.61 -11.39 15.36
C ALA A 61 -7.72 -10.40 15.73
N THR A 62 -7.41 -9.40 16.56
CA THR A 62 -8.44 -8.46 16.96
C THR A 62 -9.00 -7.67 15.78
N LEU A 63 -8.20 -7.47 14.74
CA LEU A 63 -8.60 -6.62 13.63
C LEU A 63 -8.87 -7.39 12.33
N GLY A 64 -8.56 -8.67 12.28
CA GLY A 64 -8.70 -9.41 11.04
C GLY A 64 -7.84 -8.85 9.92
N VAL A 65 -6.56 -8.66 10.21
CA VAL A 65 -5.63 -8.03 9.28
C VAL A 65 -4.34 -8.83 9.28
N GLU A 66 -3.71 -8.93 8.11
CA GLU A 66 -2.36 -9.45 7.99
C GLU A 66 -1.43 -8.29 7.68
N VAL A 67 -0.41 -8.11 8.52
CA VAL A 67 0.57 -7.06 8.34
C VAL A 67 1.82 -7.69 7.73
N HIS A 68 2.16 -7.28 6.52
CA HIS A 68 3.31 -7.82 5.80
C HIS A 68 4.47 -6.84 5.93
N PRO A 69 5.54 -7.19 6.63
CA PRO A 69 6.69 -6.27 6.71
C PRO A 69 7.56 -6.35 5.47
N LEU A 70 7.43 -5.37 4.58
CA LEU A 70 8.09 -5.38 3.28
C LEU A 70 9.34 -4.52 3.34
N VAL A 71 10.50 -5.14 3.33
N VAL A 71 10.51 -5.14 3.31
CA VAL A 71 11.76 -4.40 3.32
CA VAL A 71 11.78 -4.44 3.32
C VAL A 71 12.14 -4.09 1.88
C VAL A 71 12.18 -4.11 1.89
N PHE A 72 12.59 -2.86 1.66
CA PHE A 72 13.18 -2.44 0.40
C PHE A 72 14.53 -1.82 0.72
N HIS A 73 15.53 -2.12 -0.11
CA HIS A 73 16.89 -1.66 0.13
C HIS A 73 17.18 -0.49 -0.79
N THR A 74 17.29 0.69 -0.21
CA THR A 74 17.54 1.93 -0.94
C THR A 74 19.01 2.30 -0.86
N ASN A 75 19.41 3.26 -1.70
CA ASN A 75 20.78 3.75 -1.67
C ASN A 75 21.13 4.41 -0.34
N ARG A 76 20.14 4.70 0.50
CA ARG A 76 20.37 5.29 1.81
C ARG A 76 20.04 4.34 2.95
N GLY A 77 19.87 3.05 2.67
CA GLY A 77 19.59 2.08 3.69
C GLY A 77 18.24 1.41 3.53
N PRO A 78 17.91 0.51 4.45
CA PRO A 78 16.65 -0.24 4.32
C PRO A 78 15.45 0.56 4.81
N ILE A 79 14.35 0.41 4.08
N ILE A 79 14.34 0.41 4.09
CA ILE A 79 13.04 0.94 4.46
CA ILE A 79 13.05 0.95 4.48
C ILE A 79 12.07 -0.22 4.57
C ILE A 79 12.05 -0.19 4.55
N LYS A 80 11.21 -0.18 5.57
CA LYS A 80 10.22 -1.22 5.81
C LYS A 80 8.82 -0.62 5.70
N PHE A 81 8.05 -1.11 4.73
CA PHE A 81 6.63 -0.79 4.64
C PHE A 81 5.86 -1.94 5.30
N ASN A 82 5.23 -1.67 6.43
CA ASN A 82 4.38 -2.65 7.10
C ASN A 82 3.00 -2.54 6.47
N VAL A 83 2.71 -3.44 5.53
CA VAL A 83 1.52 -3.33 4.70
C VAL A 83 0.36 -4.05 5.36
N TRP A 84 -0.72 -3.31 5.62
CA TRP A 84 -1.92 -3.86 6.23
C TRP A 84 -2.86 -4.35 5.13
N ASP A 85 -3.13 -5.65 5.13
CA ASP A 85 -4.03 -6.29 4.17
C ASP A 85 -5.18 -6.93 4.92
N THR A 86 -6.40 -6.63 4.49
CA THR A 86 -7.57 -7.18 5.17
CA THR A 86 -7.58 -7.17 5.14
C THR A 86 -7.73 -8.67 4.88
N ALA A 87 -8.34 -9.37 5.83
N ALA A 87 -8.38 -9.36 5.81
CA ALA A 87 -8.63 -10.79 5.67
CA ALA A 87 -8.79 -10.75 5.62
C ALA A 87 -9.98 -11.05 4.99
C ALA A 87 -10.13 -10.87 4.90
N GLY A 88 -10.84 -10.03 4.91
N GLY A 88 -10.48 -9.89 4.07
CA GLY A 88 -12.17 -10.22 4.36
CA GLY A 88 -11.73 -9.91 3.35
C GLY A 88 -12.42 -9.44 3.09
C GLY A 88 -12.83 -9.05 3.93
N GLN A 89 -13.70 -9.18 2.79
N GLN A 89 -12.52 -8.18 4.90
CA GLN A 89 -14.13 -8.49 1.59
CA GLN A 89 -13.55 -7.37 5.53
C GLN A 89 -14.82 -7.18 1.94
C GLN A 89 -14.19 -6.37 4.57
N GLU A 90 -14.29 -6.45 2.92
N GLU A 90 -13.49 -5.98 3.50
CA GLU A 90 -14.95 -5.26 3.42
CA GLU A 90 -14.05 -5.01 2.57
C GLU A 90 -15.15 -4.23 2.32
C GLU A 90 -15.25 -5.59 1.82
N LYS A 91 -16.27 -3.50 2.40
N LYS A 91 -15.31 -6.91 1.65
CA LYS A 91 -16.53 -2.36 1.53
CA LYS A 91 -16.43 -7.54 0.96
C LYS A 91 -16.01 -1.09 2.20
C LYS A 91 -17.73 -7.33 1.71
N PHE A 92 -16.04 0.02 1.47
N PHE A 92 -17.68 -7.28 3.05
CA PHE A 92 -15.51 1.27 2.01
CA PHE A 92 -18.88 -7.11 3.85
C PHE A 92 -16.30 1.66 3.25
C PHE A 92 -19.23 -5.64 4.07
N GLY A 93 -15.59 1.99 4.32
N GLY A 93 -18.23 -4.76 4.02
CA GLY A 93 -16.21 2.26 5.60
CA GLY A 93 -18.48 -3.34 4.15
C GLY A 93 -16.50 1.03 6.43
C GLY A 93 -17.96 -2.75 5.45
N GLY A 94 -16.20 -0.16 5.92
N GLY A 94 -16.95 -1.88 5.36
CA GLY A 94 -16.45 -1.40 6.62
CA GLY A 94 -16.45 -1.19 6.52
C GLY A 94 -15.28 -1.95 7.41
C GLY A 94 -15.30 -1.90 7.20
N LEU A 95 -14.13 -1.29 7.37
N LEU A 95 -14.19 -1.18 7.43
CA LEU A 95 -12.95 -1.73 8.11
CA LEU A 95 -13.03 -1.70 8.12
C LEU A 95 -12.99 -1.17 9.53
C LEU A 95 -13.00 -1.16 9.54
N ARG A 96 -12.62 -2.03 10.48
N ARG A 96 -12.65 -2.02 10.50
CA ARG A 96 -12.53 -1.60 11.88
CA ARG A 96 -12.53 -1.60 11.89
C ARG A 96 -11.65 -0.36 12.00
C ARG A 96 -11.65 -0.37 12.00
N ASP A 97 -11.93 0.45 13.02
CA ASP A 97 -11.24 1.74 13.15
C ASP A 97 -9.73 1.57 13.27
N GLY A 98 -9.29 0.58 14.05
CA GLY A 98 -7.87 0.35 14.24
C GLY A 98 -7.10 0.16 12.95
N TYR A 99 -7.79 -0.20 11.87
CA TYR A 99 -7.12 -0.42 10.60
C TYR A 99 -6.36 0.82 10.16
N TYR A 100 -6.98 1.99 10.26
CA TYR A 100 -6.37 3.23 9.77
C TYR A 100 -5.50 3.92 10.79
N ILE A 101 -5.54 3.50 12.06
CA ILE A 101 -4.83 4.23 13.11
C ILE A 101 -3.33 4.23 12.82
N GLN A 102 -2.76 5.44 12.81
N GLN A 102 -2.75 5.43 12.82
CA GLN A 102 -1.34 5.68 12.60
CA GLN A 102 -1.32 5.65 12.58
C GLN A 102 -0.86 5.29 11.20
C GLN A 102 -0.88 5.16 11.21
N ALA A 103 -1.77 5.21 10.23
CA ALA A 103 -1.36 4.97 8.85
C ALA A 103 -0.51 6.16 8.39
N GLN A 104 0.65 5.87 7.81
CA GLN A 104 1.55 6.92 7.34
C GLN A 104 1.58 7.03 5.82
N CYS A 105 0.97 6.08 5.11
CA CYS A 105 0.85 6.11 3.66
C CYS A 105 -0.18 5.05 3.28
N ALA A 106 -0.55 5.03 2.01
CA ALA A 106 -1.62 4.14 1.59
C ALA A 106 -1.47 3.79 0.11
N ILE A 107 -1.99 2.62 -0.23
CA ILE A 107 -2.25 2.24 -1.62
C ILE A 107 -3.74 1.96 -1.73
N ILE A 108 -4.39 2.60 -2.70
CA ILE A 108 -5.76 2.27 -3.06
C ILE A 108 -5.71 1.48 -4.35
N MET A 109 -6.30 0.29 -4.34
CA MET A 109 -6.22 -0.61 -5.48
C MET A 109 -7.60 -0.79 -6.10
N PHE A 110 -7.63 -0.88 -7.43
CA PHE A 110 -8.84 -1.29 -8.14
C PHE A 110 -8.43 -2.26 -9.25
N ASP A 111 -9.44 -2.75 -9.94
CA ASP A 111 -9.29 -3.76 -10.99
C ASP A 111 -9.67 -3.11 -12.31
N VAL A 112 -8.71 -3.01 -13.24
CA VAL A 112 -8.97 -2.33 -14.50
C VAL A 112 -9.99 -3.07 -15.37
N THR A 113 -10.36 -4.30 -15.00
CA THR A 113 -11.41 -5.02 -15.72
C THR A 113 -12.78 -4.89 -15.06
N SER A 114 -12.88 -4.13 -13.97
CA SER A 114 -14.16 -3.95 -13.26
C SER A 114 -14.32 -2.47 -12.94
N ARG A 115 -15.16 -1.77 -13.72
CA ARG A 115 -15.27 -0.33 -13.59
C ARG A 115 -15.83 0.08 -12.22
N VAL A 116 -16.66 -0.77 -11.61
CA VAL A 116 -17.23 -0.43 -10.31
C VAL A 116 -16.13 -0.26 -9.27
N THR A 117 -15.09 -1.11 -9.33
CA THR A 117 -14.01 -1.00 -8.36
C THR A 117 -13.26 0.32 -8.51
N TYR A 118 -13.24 0.88 -9.72
CA TYR A 118 -12.65 2.20 -9.90
C TYR A 118 -13.61 3.30 -9.44
N LYS A 119 -14.90 3.16 -9.74
CA LYS A 119 -15.87 4.14 -9.24
C LYS A 119 -15.80 4.27 -7.73
N ASN A 120 -15.43 3.20 -7.03
CA ASN A 120 -15.37 3.27 -5.57
C ASN A 120 -14.06 3.83 -5.05
N VAL A 121 -13.07 4.10 -5.92
CA VAL A 121 -11.81 4.66 -5.46
C VAL A 121 -12.03 5.98 -4.72
N PRO A 122 -12.80 6.94 -5.25
CA PRO A 122 -13.05 8.16 -4.47
C PRO A 122 -13.67 7.89 -3.12
N ASN A 123 -14.46 6.82 -2.98
CA ASN A 123 -15.03 6.49 -1.68
C ASN A 123 -13.94 6.02 -0.72
N TRP A 124 -13.05 5.15 -1.18
CA TRP A 124 -11.92 4.75 -0.35
C TRP A 124 -11.03 5.94 -0.02
N HIS A 125 -10.78 6.81 -1.00
CA HIS A 125 -9.96 7.99 -0.77
C HIS A 125 -10.57 8.87 0.29
N ARG A 126 -11.88 9.14 0.19
CA ARG A 126 -12.56 9.93 1.20
C ARG A 126 -12.49 9.26 2.57
N ASP A 127 -12.72 7.95 2.62
CA ASP A 127 -12.64 7.22 3.88
C ASP A 127 -11.25 7.35 4.50
N LEU A 128 -10.21 7.40 3.67
CA LEU A 128 -8.84 7.53 4.16
C LEU A 128 -8.60 8.93 4.74
N VAL A 129 -8.81 9.96 3.92
CA VAL A 129 -8.53 11.33 4.32
C VAL A 129 -9.32 11.72 5.57
N ARG A 130 -10.40 11.00 5.88
CA ARG A 130 -11.18 11.31 7.06
C ARG A 130 -10.43 10.98 8.34
N VAL A 131 -9.67 9.89 8.34
CA VAL A 131 -9.02 9.40 9.53
C VAL A 131 -7.53 9.72 9.56
N CYS A 132 -6.88 9.75 8.41
CA CYS A 132 -5.45 9.92 8.33
C CYS A 132 -5.05 11.28 7.80
N GLU A 133 -5.97 12.02 7.19
CA GLU A 133 -5.68 13.39 6.72
C GLU A 133 -4.63 13.30 5.61
N ASN A 134 -3.57 14.09 5.67
CA ASN A 134 -2.68 14.28 4.53
C ASN A 134 -1.50 13.31 4.62
N ILE A 135 -1.77 12.07 4.23
CA ILE A 135 -0.71 11.06 4.06
C ILE A 135 -0.52 10.83 2.56
N PRO A 136 0.68 10.47 2.11
CA PRO A 136 0.86 10.14 0.68
C PRO A 136 0.10 8.87 0.30
N ILE A 137 -0.54 8.92 -0.86
CA ILE A 137 -1.39 7.84 -1.34
C ILE A 137 -1.02 7.53 -2.79
N VAL A 138 -0.93 6.25 -3.13
CA VAL A 138 -0.75 5.80 -4.48
C VAL A 138 -1.99 5.03 -4.91
N LEU A 139 -2.49 5.34 -6.11
CA LEU A 139 -3.60 4.61 -6.71
CA LEU A 139 -3.59 4.61 -6.71
C LEU A 139 -3.03 3.58 -7.69
N CYS A 140 -3.50 2.33 -7.59
CA CYS A 140 -2.99 1.24 -8.41
C CYS A 140 -4.13 0.57 -9.13
N GLY A 141 -4.08 0.58 -10.47
CA GLY A 141 -5.00 -0.20 -11.27
C GLY A 141 -4.39 -1.55 -11.60
N ASN A 142 -4.95 -2.61 -11.03
CA ASN A 142 -4.36 -3.95 -11.10
C ASN A 142 -4.97 -4.75 -12.24
N LYS A 143 -4.29 -5.86 -12.58
CA LYS A 143 -4.72 -6.82 -13.57
C LYS A 143 -4.60 -6.29 -15.01
N VAL A 144 -3.60 -5.44 -15.26
CA VAL A 144 -3.41 -4.88 -16.60
C VAL A 144 -2.82 -5.94 -17.52
N ASP A 145 -2.52 -7.13 -16.99
CA ASP A 145 -2.13 -8.23 -17.85
C ASP A 145 -3.31 -8.74 -18.69
N ILE A 146 -4.53 -8.46 -18.26
CA ILE A 146 -5.73 -8.89 -18.98
C ILE A 146 -5.94 -7.96 -20.17
N LYS A 147 -5.94 -8.52 -21.37
CA LYS A 147 -5.99 -7.72 -22.60
C LYS A 147 -7.25 -6.87 -22.68
N ASP A 148 -8.38 -7.43 -22.26
CA ASP A 148 -9.68 -6.73 -22.37
C ASP A 148 -9.82 -5.77 -21.19
N ARG A 149 -9.12 -4.65 -21.30
CA ARG A 149 -9.06 -3.66 -20.22
C ARG A 149 -10.28 -2.74 -20.28
N LYS A 150 -11.02 -2.66 -19.17
CA LYS A 150 -12.25 -1.86 -19.16
C LYS A 150 -12.01 -0.43 -18.69
N VAL A 151 -11.14 -0.24 -17.70
CA VAL A 151 -10.75 1.10 -17.26
C VAL A 151 -9.48 1.45 -18.03
N LYS A 152 -9.64 2.18 -19.12
CA LYS A 152 -8.53 2.43 -20.03
C LYS A 152 -7.55 3.44 -19.44
N ALA A 153 -6.29 3.33 -19.86
CA ALA A 153 -5.26 4.20 -19.33
C ALA A 153 -5.62 5.67 -19.53
N LYS A 154 -6.22 5.99 -20.68
CA LYS A 154 -6.54 7.38 -20.98
C LYS A 154 -7.72 7.90 -20.17
N SER A 155 -8.55 7.02 -19.61
N SER A 155 -8.55 7.02 -19.61
CA SER A 155 -9.72 7.44 -18.87
CA SER A 155 -9.72 7.42 -18.86
C SER A 155 -9.47 7.58 -17.37
C SER A 155 -9.46 7.61 -17.38
N ILE A 156 -8.23 7.42 -16.92
CA ILE A 156 -7.95 7.49 -15.49
C ILE A 156 -7.91 8.94 -15.06
N VAL A 157 -8.69 9.27 -14.02
CA VAL A 157 -8.90 10.64 -13.58
C VAL A 157 -7.68 11.11 -12.80
N PHE A 158 -7.06 12.18 -13.28
CA PHE A 158 -5.89 12.76 -12.64
C PHE A 158 -6.25 14.11 -12.02
N HIS A 159 -5.73 14.37 -10.83
CA HIS A 159 -6.07 15.55 -10.05
C HIS A 159 -4.82 16.37 -9.75
N ARG A 160 -5.04 17.55 -9.16
CA ARG A 160 -3.95 18.44 -8.82
C ARG A 160 -3.21 18.02 -7.55
N LYS A 161 -3.64 16.93 -6.92
CA LYS A 161 -3.05 16.53 -5.63
C LYS A 161 -1.60 16.13 -5.82
N LYS A 162 -0.72 16.72 -5.00
CA LYS A 162 0.70 16.38 -4.99
C LYS A 162 1.00 15.20 -4.09
N ASN A 163 0.05 14.76 -3.27
CA ASN A 163 0.20 13.58 -2.44
C ASN A 163 -0.47 12.35 -3.06
N LEU A 164 -0.68 12.36 -4.37
CA LEU A 164 -1.39 11.29 -5.06
C LEU A 164 -0.68 10.96 -6.36
N GLN A 165 -0.60 9.67 -6.67
CA GLN A 165 0.12 9.17 -7.84
C GLN A 165 -0.58 7.91 -8.31
N TYR A 166 -0.52 7.66 -9.62
CA TYR A 166 -1.15 6.48 -10.21
C TYR A 166 -0.12 5.58 -10.88
N TYR A 167 -0.33 4.27 -10.80
CA TYR A 167 0.44 3.30 -11.56
C TYR A 167 -0.46 2.15 -11.98
N ASP A 168 -0.29 1.70 -13.22
CA ASP A 168 -0.74 0.36 -13.58
C ASP A 168 0.08 -0.67 -12.81
N ILE A 169 -0.56 -1.79 -12.45
CA ILE A 169 0.18 -2.93 -11.94
C ILE A 169 -0.48 -4.21 -12.43
N SER A 170 0.32 -5.28 -12.45
CA SER A 170 -0.17 -6.65 -12.61
C SER A 170 0.52 -7.47 -11.53
N ALA A 171 -0.21 -7.76 -10.46
CA ALA A 171 0.36 -8.54 -9.37
C ALA A 171 0.89 -9.88 -9.86
N LYS A 172 0.13 -10.53 -10.74
CA LYS A 172 0.50 -11.90 -11.12
C LYS A 172 1.70 -11.96 -12.06
N SER A 173 2.13 -10.82 -12.60
CA SER A 173 3.35 -10.78 -13.40
C SER A 173 4.44 -9.94 -12.76
N ASN A 174 4.20 -9.39 -11.56
CA ASN A 174 5.11 -8.47 -10.89
C ASN A 174 5.30 -7.16 -11.64
N TYR A 175 4.46 -6.88 -12.64
CA TYR A 175 4.63 -5.67 -13.44
C TYR A 175 4.44 -4.42 -12.57
N ASN A 176 5.47 -3.57 -12.55
CA ASN A 176 5.48 -2.31 -11.80
C ASN A 176 5.38 -2.52 -10.29
N PHE A 177 5.70 -3.72 -9.79
CA PHE A 177 5.49 -4.00 -8.38
C PHE A 177 6.14 -2.96 -7.48
N GLU A 178 7.37 -2.54 -7.82
CA GLU A 178 8.14 -1.70 -6.91
C GLU A 178 7.77 -0.23 -6.99
N LYS A 179 7.01 0.18 -8.01
CA LYS A 179 6.84 1.62 -8.26
C LYS A 179 6.02 2.30 -7.18
N PRO A 180 4.90 1.76 -6.73
CA PRO A 180 4.19 2.41 -5.61
C PRO A 180 5.08 2.65 -4.41
N PHE A 181 5.88 1.64 -4.04
CA PHE A 181 6.72 1.76 -2.86
C PHE A 181 7.84 2.75 -3.06
N LEU A 182 8.42 2.80 -4.26
CA LEU A 182 9.49 3.77 -4.51
C LEU A 182 8.96 5.20 -4.43
N TRP A 183 7.79 5.44 -5.04
CA TRP A 183 7.21 6.79 -4.99
C TRP A 183 6.90 7.19 -3.55
N LEU A 184 6.28 6.29 -2.77
CA LEU A 184 5.96 6.60 -1.39
C LEU A 184 7.23 6.85 -0.58
N ALA A 185 8.26 6.02 -0.79
CA ALA A 185 9.51 6.21 -0.07
C ALA A 185 10.11 7.58 -0.38
N ARG A 186 10.12 7.98 -1.66
CA ARG A 186 10.63 9.29 -2.02
C ARG A 186 9.84 10.39 -1.34
N LYS A 187 8.51 10.28 -1.34
CA LYS A 187 7.68 11.29 -0.68
C LYS A 187 7.91 11.31 0.82
N LEU A 188 7.94 10.15 1.45
CA LEU A 188 8.07 10.09 2.90
C LEU A 188 9.44 10.59 3.36
N ILE A 189 10.51 10.12 2.70
CA ILE A 189 11.86 10.53 3.08
C ILE A 189 12.16 11.95 2.60
N GLY A 190 11.39 12.48 1.66
CA GLY A 190 11.69 13.78 1.10
C GLY A 190 12.92 13.79 0.23
N ASP A 191 13.19 12.68 -0.47
CA ASP A 191 14.38 12.56 -1.32
C ASP A 191 13.95 12.07 -2.69
N PRO A 192 13.79 12.96 -3.67
CA PRO A 192 13.31 12.52 -4.99
C PRO A 192 14.34 11.72 -5.78
N ASN A 193 15.59 11.66 -5.32
CA ASN A 193 16.61 10.84 -5.97
C ASN A 193 16.82 9.50 -5.27
N LEU A 194 15.95 9.13 -4.35
CA LEU A 194 16.06 7.83 -3.69
C LEU A 194 15.86 6.72 -4.72
N GLU A 195 16.69 5.68 -4.63
CA GLU A 195 16.63 4.54 -5.53
C GLU A 195 16.63 3.25 -4.72
N PHE A 196 16.00 2.22 -5.28
CA PHE A 196 16.18 0.87 -4.78
C PHE A 196 17.43 0.28 -5.43
N VAL A 197 18.38 -0.19 -4.61
CA VAL A 197 19.62 -0.75 -5.16
C VAL A 197 19.46 -2.18 -5.61
N ALA A 198 18.39 -2.85 -5.20
CA ALA A 198 18.10 -4.20 -5.64
C ALA A 198 16.60 -4.44 -5.53
N MET A 199 16.08 -5.25 -6.42
CA MET A 199 14.67 -5.59 -6.32
C MET A 199 14.48 -6.62 -5.21
N PRO A 200 13.36 -6.55 -4.49
CA PRO A 200 13.07 -7.61 -3.51
C PRO A 200 12.86 -8.94 -4.23
N ALA A 201 13.05 -10.02 -3.49
CA ALA A 201 12.75 -11.35 -4.01
C ALA A 201 11.24 -11.49 -4.16
N LEU A 202 10.78 -11.73 -5.38
CA LEU A 202 9.34 -11.77 -5.68
C LEU A 202 8.95 -13.16 -6.15
N ALA A 203 7.69 -13.52 -5.89
CA ALA A 203 7.18 -14.79 -6.40
C ALA A 203 7.30 -14.82 -7.91
N PRO A 204 7.68 -15.95 -8.50
CA PRO A 204 7.81 -16.04 -9.96
C PRO A 204 6.53 -15.61 -10.65
N PRO A 205 6.62 -14.87 -11.75
CA PRO A 205 5.39 -14.48 -12.48
C PRO A 205 4.55 -15.69 -12.85
N GLU A 206 3.24 -15.55 -12.70
CA GLU A 206 2.29 -16.57 -13.10
C GLU A 206 1.63 -16.26 -14.44
N VAL A 207 1.70 -15.03 -14.91
CA VAL A 207 1.18 -14.63 -16.21
C VAL A 207 2.22 -13.72 -16.85
N VAL A 208 2.13 -13.57 -18.16
CA VAL A 208 3.03 -12.71 -18.91
C VAL A 208 2.34 -11.37 -19.14
N MET A 209 3.06 -10.29 -18.87
CA MET A 209 2.62 -8.95 -19.21
C MET A 209 3.06 -8.67 -20.65
N ASP A 210 2.10 -8.47 -21.54
CA ASP A 210 2.41 -8.18 -22.93
C ASP A 210 3.23 -6.90 -23.02
N PRO A 211 4.44 -6.94 -23.56
CA PRO A 211 5.28 -5.72 -23.57
C PRO A 211 4.75 -4.63 -24.51
N ALA A 212 4.03 -4.99 -25.57
CA ALA A 212 3.45 -3.97 -26.42
C ALA A 212 2.37 -3.19 -25.68
N LEU A 213 1.52 -3.89 -24.93
CA LEU A 213 0.52 -3.22 -24.11
C LEU A 213 1.19 -2.36 -23.04
N ALA A 214 2.21 -2.91 -22.36
CA ALA A 214 2.91 -2.15 -21.34
C ALA A 214 3.47 -0.86 -21.91
N ALA A 215 4.12 -0.94 -23.07
CA ALA A 215 4.66 0.27 -23.69
C ALA A 215 3.55 1.27 -24.00
N GLN A 216 2.40 0.78 -24.46
CA GLN A 216 1.31 1.68 -24.81
C GLN A 216 0.68 2.28 -23.57
N TYR A 217 0.42 1.44 -22.56
CA TYR A 217 -0.16 1.95 -21.32
C TYR A 217 0.72 3.02 -20.71
N GLU A 218 2.03 2.76 -20.64
CA GLU A 218 2.94 3.71 -20.01
C GLU A 218 2.95 5.04 -20.75
N HIS A 219 2.91 5.01 -22.08
CA HIS A 219 2.86 6.27 -22.81
C HIS A 219 1.53 6.97 -22.60
N ASP A 220 0.42 6.22 -22.69
CA ASP A 220 -0.90 6.82 -22.48
C ASP A 220 -0.96 7.52 -21.13
N LEU A 221 -0.32 6.94 -20.11
CA LEU A 221 -0.39 7.52 -18.76
C LEU A 221 0.47 8.76 -18.64
N GLU A 222 1.64 8.78 -19.30
CA GLU A 222 2.46 9.99 -19.32
C GLU A 222 1.67 11.16 -19.88
N VAL A 223 0.85 10.92 -20.89
CA VAL A 223 0.11 12.00 -21.54
C VAL A 223 -1.05 12.46 -20.67
N ALA A 224 -1.82 11.52 -20.10
CA ALA A 224 -2.89 11.91 -19.19
C ALA A 224 -2.34 12.58 -17.94
N GLN A 225 -1.18 12.12 -17.45
CA GLN A 225 -0.54 12.75 -16.30
C GLN A 225 -0.01 14.13 -16.65
N THR A 226 0.33 14.36 -17.92
CA THR A 226 0.87 15.65 -18.35
C THR A 226 -0.22 16.63 -18.78
N THR A 227 -1.33 16.13 -19.33
CA THR A 227 -2.44 16.99 -19.74
C THR A 227 -3.41 17.14 -18.58
N ALA A 228 -2.94 17.84 -17.55
CA ALA A 228 -3.72 18.12 -16.34
C ALA A 228 -2.81 18.67 -15.24
N MET B 6 24.99 8.40 2.38
CA MET B 6 24.17 8.95 3.44
C MET B 6 23.32 7.88 4.11
N GLY B 7 22.88 8.17 5.34
CA GLY B 7 21.86 7.41 6.02
C GLY B 7 20.52 8.10 5.95
N PHE B 8 19.66 7.78 6.90
CA PHE B 8 18.34 8.39 7.00
C PHE B 8 18.33 9.44 8.11
N GLU B 9 17.84 10.64 7.78
CA GLU B 9 17.60 11.64 8.81
C GLU B 9 16.69 11.05 9.88
N ASP B 10 17.13 11.09 11.13
CA ASP B 10 16.40 10.43 12.20
C ASP B 10 15.25 11.27 12.72
N MET B 11 14.42 11.78 11.82
CA MET B 11 13.12 12.33 12.19
C MET B 11 12.03 11.27 12.13
N PHE B 12 12.34 10.07 11.65
CA PHE B 12 11.44 8.93 11.72
C PHE B 12 11.78 7.98 12.87
N ALA B 13 12.80 8.31 13.66
CA ALA B 13 13.26 7.44 14.72
C ALA B 13 12.31 7.48 15.91
N LYS B 14 12.39 6.43 16.73
CA LYS B 14 11.60 6.37 17.95
C LYS B 14 11.91 7.57 18.84
N LYS B 15 10.87 8.21 19.34
CA LYS B 15 11.02 9.24 20.35
C LYS B 15 11.06 8.60 21.73
N GLU B 16 11.41 9.41 22.74
CA GLU B 16 11.65 8.88 24.07
C GLU B 16 10.43 8.14 24.62
N GLY B 17 10.62 6.86 24.96
CA GLY B 17 9.58 6.08 25.60
C GLY B 17 8.64 5.35 24.65
N GLN B 18 8.75 5.60 23.35
CA GLN B 18 7.88 4.93 22.40
C GLN B 18 8.24 3.46 22.28
N TRP B 19 7.25 2.64 21.91
CA TRP B 19 7.44 1.21 21.76
C TRP B 19 6.63 0.71 20.58
N ASP B 20 7.16 -0.32 19.92
CA ASP B 20 6.52 -0.90 18.75
C ASP B 20 5.72 -2.12 19.17
N CYS B 21 4.46 -2.16 18.76
CA CYS B 21 3.59 -3.29 19.09
C CYS B 21 4.11 -4.55 18.42
N SER B 22 4.24 -5.61 19.20
CA SER B 22 4.72 -6.88 18.66
C SER B 22 3.65 -7.63 17.87
N SER B 23 2.39 -7.23 17.96
CA SER B 23 1.33 -7.88 17.21
C SER B 23 1.13 -7.24 15.83
N CYS B 24 1.09 -5.90 15.76
CA CYS B 24 0.77 -5.20 14.53
C CYS B 24 1.80 -4.18 14.09
N LEU B 25 2.85 -3.95 14.88
CA LEU B 25 4.00 -3.11 14.56
C LEU B 25 3.69 -1.62 14.60
N VAL B 26 2.50 -1.23 15.05
CA VAL B 26 2.22 0.18 15.25
C VAL B 26 3.04 0.72 16.41
N ARG B 27 3.47 1.97 16.30
CA ARG B 27 4.30 2.62 17.29
C ARG B 27 3.44 3.33 18.32
N ASN B 28 3.67 3.05 19.59
CA ASN B 28 2.81 3.53 20.68
C ASN B 28 3.59 4.45 21.61
N GLU B 29 2.85 5.20 22.41
CA GLU B 29 3.43 6.13 23.37
C GLU B 29 3.71 5.43 24.69
N ALA B 30 4.62 6.03 25.47
CA ALA B 30 5.09 5.41 26.70
C ALA B 30 3.98 5.13 27.69
N ASN B 31 2.97 6.00 27.74
N ASN B 31 2.97 6.01 27.73
CA ASN B 31 1.89 5.82 28.70
CA ASN B 31 1.88 5.84 28.69
C ASN B 31 0.82 4.85 28.24
C ASN B 31 0.98 4.65 28.31
N ALA B 32 0.94 4.29 27.03
CA ALA B 32 0.02 3.25 26.58
C ALA B 32 0.51 1.90 27.07
N THR B 33 -0.40 1.14 27.69
CA THR B 33 -0.10 -0.22 28.13
C THR B 33 -0.63 -1.27 27.17
N ARG B 34 -1.47 -0.88 26.21
CA ARG B 34 -1.85 -1.75 25.11
C ARG B 34 -1.93 -0.94 23.84
N CYS B 35 -1.82 -1.63 22.71
CA CYS B 35 -1.65 -0.97 21.42
C CYS B 35 -2.90 -0.16 21.08
N VAL B 36 -2.69 1.09 20.68
CA VAL B 36 -3.80 1.96 20.33
C VAL B 36 -4.52 1.47 19.08
N ALA B 37 -3.87 0.68 18.24
CA ALA B 37 -4.52 0.17 17.03
C ALA B 37 -5.21 -1.17 17.25
N CYS B 38 -4.47 -2.17 17.74
CA CYS B 38 -4.99 -3.53 17.79
C CYS B 38 -5.38 -3.97 19.19
N GLN B 39 -5.11 -3.15 20.21
CA GLN B 39 -5.51 -3.38 21.59
C GLN B 39 -4.80 -4.56 22.24
N ASN B 40 -3.78 -5.11 21.61
CA ASN B 40 -3.02 -6.16 22.26
C ASN B 40 -2.14 -5.56 23.35
N PRO B 41 -2.00 -6.23 24.49
CA PRO B 41 -1.22 -5.66 25.59
C PRO B 41 0.27 -5.71 25.29
N ASP B 42 1.00 -4.70 25.80
CA ASP B 42 2.43 -4.64 25.58
C ASP B 42 3.11 -5.87 26.17
N LYS B 43 3.81 -6.64 25.33
CA LYS B 43 4.51 -7.84 25.77
C LYS B 43 5.70 -8.11 24.85
#